data_4HFV
#
_entry.id   4HFV
#
_cell.length_a   43.339
_cell.length_b   43.339
_cell.length_c   205.621
_cell.angle_alpha   90.00
_cell.angle_beta   90.00
_cell.angle_gamma   120.00
#
_symmetry.space_group_name_H-M   'P 32 2 1'
#
loop_
_entity.id
_entity.type
_entity.pdbx_description
1 polymer 'Uncharacterized protein'
2 non-polymer 'CITRIC ACID'
3 non-polymer 'SUCCINIC ACID'
4 water water
#
_entity_poly.entity_id   1
_entity_poly.type   'polypeptide(L)'
_entity_poly.pdbx_seq_one_letter_code
;G(MSE)SFELVAYEKLKGSIRESIITLIKSHNEKAKIIEDKLEYSVKEVSRERQPQVLVLLKTIELLDNSSKEPEDKARV
LNALAYYIRDQIAATYKYTSPDNSDFYKSLTISLDLNKDNNPNREDLAD(MSE)YSALEKFLRSHVYKNSDPRKGYLDKQ
PFAIKHYSVVDDILELSDRVHKLRHEIIIAARDLHLLQ
;
_entity_poly.pdbx_strand_id   A
#
loop_
_chem_comp.id
_chem_comp.type
_chem_comp.name
_chem_comp.formula
CIT non-polymer 'CITRIC ACID' 'C6 H8 O7'
SIN non-polymer 'SUCCINIC ACID' 'C4 H6 O4'
#
# COMPACT_ATOMS: atom_id res chain seq x y z
N MSE A 2 -19.35 8.09 6.52
CA MSE A 2 -18.52 7.19 5.64
C MSE A 2 -17.16 6.91 6.31
O MSE A 2 -16.37 7.83 6.52
CB MSE A 2 -18.28 7.85 4.27
CG MSE A 2 -17.57 6.95 3.24
SE MSE A 2 -16.92 7.89 1.64
CE MSE A 2 -15.38 8.82 2.41
N SER A 3 -16.90 5.62 6.60
CA SER A 3 -15.69 5.21 7.30
C SER A 3 -15.19 3.88 6.72
N PHE A 4 -13.91 3.57 6.95
CA PHE A 4 -13.34 2.36 6.38
C PHE A 4 -12.97 1.36 7.48
N GLU A 5 -13.46 0.14 7.36
CA GLU A 5 -13.02 -0.91 8.24
C GLU A 5 -11.79 -1.61 7.64
N LEU A 6 -10.70 -1.70 8.41
CA LEU A 6 -9.52 -2.39 7.90
C LEU A 6 -9.83 -3.87 7.61
N VAL A 7 -9.36 -4.38 6.48
CA VAL A 7 -9.49 -5.81 6.21
C VAL A 7 -8.48 -6.55 7.10
N ALA A 8 -8.88 -7.64 7.74
CA ALA A 8 -7.90 -8.40 8.56
C ALA A 8 -6.65 -8.78 7.75
N TYR A 9 -5.49 -8.70 8.40
CA TYR A 9 -4.21 -8.90 7.70
C TYR A 9 -4.09 -10.26 6.94
N GLU A 10 -4.40 -11.39 7.59
CA GLU A 10 -4.17 -12.67 6.89
C GLU A 10 -4.99 -12.77 5.61
N LYS A 11 -6.25 -12.35 5.72
CA LYS A 11 -7.17 -12.38 4.60
C LYS A 11 -6.65 -11.49 3.48
N LEU A 12 -6.22 -10.27 3.82
CA LEU A 12 -5.74 -9.34 2.80
C LEU A 12 -4.47 -9.84 2.13
N LYS A 13 -3.56 -10.36 2.94
CA LYS A 13 -2.34 -10.98 2.45
C LYS A 13 -2.70 -12.05 1.44
N GLY A 14 -3.66 -12.89 1.80
CA GLY A 14 -4.11 -13.94 0.92
C GLY A 14 -4.68 -13.43 -0.39
N SER A 15 -5.51 -12.40 -0.35
CA SER A 15 -6.15 -12.02 -1.60
C SER A 15 -5.17 -11.25 -2.45
N ILE A 16 -4.22 -10.53 -1.83
CA ILE A 16 -3.23 -9.82 -2.62
C ILE A 16 -2.31 -10.84 -3.31
N ARG A 17 -1.95 -11.90 -2.60
CA ARG A 17 -1.08 -12.91 -3.17
C ARG A 17 -1.87 -13.56 -4.33
N GLU A 18 -3.18 -13.75 -4.16
CA GLU A 18 -3.96 -14.41 -5.21
C GLU A 18 -3.98 -13.52 -6.47
N SER A 19 -4.17 -12.21 -6.27
N SER A 19 -4.14 -12.20 -6.24
CA SER A 19 -4.21 -11.30 -7.42
CA SER A 19 -4.20 -11.21 -7.32
C SER A 19 -2.86 -11.22 -8.14
C SER A 19 -2.87 -11.11 -8.09
N ILE A 20 -1.78 -11.39 -7.39
CA ILE A 20 -0.45 -11.33 -8.00
C ILE A 20 -0.25 -12.56 -8.89
N ILE A 21 -0.61 -13.72 -8.34
CA ILE A 21 -0.60 -14.97 -9.13
C ILE A 21 -1.42 -14.83 -10.43
N THR A 22 -2.57 -14.19 -10.33
CA THR A 22 -3.45 -14.07 -11.49
C THR A 22 -2.77 -13.14 -12.51
N LEU A 23 -2.20 -12.04 -12.03
CA LEU A 23 -1.45 -11.09 -12.87
C LEU A 23 -0.32 -11.80 -13.61
N ILE A 24 0.44 -12.62 -12.91
CA ILE A 24 1.52 -13.37 -13.51
C ILE A 24 0.99 -14.29 -14.62
N LYS A 25 -0.08 -15.03 -14.30
CA LYS A 25 -0.67 -15.98 -15.20
C LYS A 25 -1.33 -15.31 -16.41
N SER A 26 -1.79 -14.05 -16.26
CA SER A 26 -2.39 -13.33 -17.40
C SER A 26 -1.34 -13.07 -18.48
N HIS A 27 -0.06 -13.04 -18.12
N HIS A 27 -0.08 -13.06 -18.10
CA HIS A 27 1.00 -12.94 -19.14
CA HIS A 27 1.03 -12.93 -19.05
C HIS A 27 1.49 -14.33 -19.60
C HIS A 27 1.52 -14.29 -19.56
N ASN A 28 1.58 -15.28 -18.66
CA ASN A 28 2.12 -16.59 -18.97
C ASN A 28 1.35 -17.65 -18.21
N GLU A 29 0.48 -18.37 -18.93
CA GLU A 29 -0.50 -19.23 -18.29
C GLU A 29 0.24 -20.43 -17.70
N LYS A 30 1.44 -20.69 -18.19
CA LYS A 30 2.22 -21.82 -17.69
C LYS A 30 3.22 -21.45 -16.59
N ALA A 31 3.17 -20.22 -16.07
CA ALA A 31 4.19 -19.82 -15.09
C ALA A 31 4.24 -20.83 -13.96
N LYS A 32 5.43 -21.20 -13.55
CA LYS A 32 5.53 -22.14 -12.45
C LYS A 32 5.72 -21.32 -11.16
N ILE A 33 4.67 -21.29 -10.35
CA ILE A 33 4.63 -20.52 -9.12
C ILE A 33 5.23 -21.31 -8.00
N ILE A 34 6.30 -20.79 -7.44
CA ILE A 34 6.81 -21.35 -6.21
C ILE A 34 6.11 -20.64 -5.05
N GLU A 35 5.29 -21.35 -4.29
CA GLU A 35 4.52 -20.75 -3.19
C GLU A 35 5.34 -19.79 -2.30
N ASP A 36 6.42 -20.28 -1.71
CA ASP A 36 7.17 -19.43 -0.78
C ASP A 36 8.18 -18.50 -1.47
N LYS A 37 8.14 -18.44 -2.81
CA LYS A 37 9.04 -17.56 -3.58
C LYS A 37 8.32 -16.84 -4.71
N LEU A 38 7.18 -16.25 -4.40
CA LEU A 38 6.39 -15.59 -5.42
C LEU A 38 7.17 -14.48 -6.14
N GLU A 39 8.09 -13.83 -5.44
CA GLU A 39 8.85 -12.74 -6.07
C GLU A 39 9.67 -13.15 -7.29
N TYR A 40 10.08 -14.41 -7.36
CA TYR A 40 10.85 -14.93 -8.50
C TYR A 40 10.04 -14.94 -9.82
N SER A 41 8.71 -14.90 -9.70
CA SER A 41 7.81 -14.92 -10.86
C SER A 41 7.45 -13.54 -11.33
N VAL A 42 7.93 -12.53 -10.62
CA VAL A 42 7.51 -11.17 -10.85
C VAL A 42 7.99 -10.70 -12.21
N LYS A 43 9.09 -11.26 -12.69
CA LYS A 43 9.58 -10.95 -14.03
C LYS A 43 8.49 -11.09 -15.13
N GLU A 44 7.43 -11.85 -14.82
CA GLU A 44 6.35 -12.09 -15.79
C GLU A 44 5.39 -10.93 -15.99
N VAL A 45 5.32 -10.03 -15.01
CA VAL A 45 4.39 -8.88 -15.08
C VAL A 45 5.06 -7.68 -15.76
N SER A 46 4.25 -6.70 -16.14
CA SER A 46 4.77 -5.52 -16.85
C SER A 46 5.79 -4.75 -16.03
N ARG A 47 6.68 -4.02 -16.71
CA ARG A 47 7.74 -3.26 -16.03
C ARG A 47 7.09 -2.33 -15.03
N GLU A 48 5.97 -1.74 -15.42
CA GLU A 48 5.25 -0.86 -14.52
C GLU A 48 4.75 -1.53 -13.21
N ARG A 49 4.23 -2.74 -13.31
CA ARG A 49 3.65 -3.43 -12.16
C ARG A 49 4.74 -4.09 -11.30
N GLN A 50 5.90 -4.32 -11.88
CA GLN A 50 6.95 -5.04 -11.16
C GLN A 50 7.27 -4.43 -9.80
N PRO A 51 7.58 -3.11 -9.74
CA PRO A 51 7.94 -2.63 -8.40
C PRO A 51 6.77 -2.59 -7.45
N GLN A 52 5.55 -2.40 -7.95
CA GLN A 52 4.40 -2.40 -7.05
C GLN A 52 4.24 -3.79 -6.44
N VAL A 53 4.38 -4.81 -7.26
CA VAL A 53 4.26 -6.15 -6.77
C VAL A 53 5.35 -6.49 -5.76
N LEU A 54 6.61 -6.13 -6.04
CA LEU A 54 7.72 -6.42 -5.14
C LEU A 54 7.59 -5.66 -3.82
N VAL A 55 7.10 -4.43 -3.88
CA VAL A 55 6.88 -3.69 -2.63
C VAL A 55 5.81 -4.32 -1.77
N LEU A 56 4.71 -4.75 -2.41
CA LEU A 56 3.65 -5.47 -1.69
C LEU A 56 4.18 -6.75 -1.06
N LEU A 57 4.90 -7.56 -1.82
CA LEU A 57 5.46 -8.79 -1.31
C LEU A 57 6.55 -8.56 -0.25
N LYS A 58 7.40 -7.55 -0.40
CA LYS A 58 8.38 -7.28 0.65
C LYS A 58 7.69 -6.81 1.93
N THR A 59 6.68 -6.00 1.76
CA THR A 59 5.88 -5.50 2.89
C THR A 59 5.30 -6.69 3.63
N ILE A 60 4.68 -7.62 2.90
CA ILE A 60 4.12 -8.79 3.54
C ILE A 60 5.15 -9.65 4.28
N GLU A 61 6.30 -9.91 3.65
CA GLU A 61 7.39 -10.65 4.31
C GLU A 61 7.85 -9.96 5.62
N LEU A 62 7.93 -8.64 5.60
CA LEU A 62 8.46 -7.92 6.76
C LEU A 62 7.43 -7.93 7.90
N LEU A 63 6.18 -7.69 7.55
CA LEU A 63 5.12 -7.77 8.56
C LEU A 63 5.03 -9.18 9.15
N ASP A 64 5.13 -10.19 8.30
CA ASP A 64 5.11 -11.58 8.75
C ASP A 64 6.21 -11.83 9.79
N ASN A 65 7.39 -11.23 9.57
CA ASN A 65 8.53 -11.37 10.47
C ASN A 65 8.49 -10.38 11.63
N SER A 66 7.48 -9.52 11.68
CA SER A 66 7.46 -8.49 12.73
C SER A 66 6.82 -8.99 14.02
N SER A 67 6.97 -8.20 15.07
CA SER A 67 6.33 -8.46 16.35
C SER A 67 5.03 -7.65 16.48
N LYS A 68 4.57 -7.08 15.37
N LYS A 68 4.57 -7.07 15.36
CA LYS A 68 3.40 -6.20 15.39
CA LYS A 68 3.40 -6.20 15.39
C LYS A 68 2.11 -6.97 15.73
C LYS A 68 2.13 -6.97 15.74
N GLU A 69 1.19 -6.28 16.39
CA GLU A 69 -0.14 -6.83 16.67
C GLU A 69 -1.01 -6.85 15.41
N PRO A 70 -2.00 -7.77 15.37
CA PRO A 70 -2.70 -7.94 14.10
C PRO A 70 -3.27 -6.66 13.48
N GLU A 71 -3.78 -5.77 14.32
CA GLU A 71 -4.42 -4.58 13.78
C GLU A 71 -3.38 -3.62 13.15
N ASP A 72 -2.20 -3.54 13.74
N ASP A 72 -2.20 -3.55 13.75
CA ASP A 72 -1.13 -2.69 13.20
CA ASP A 72 -1.13 -2.70 13.20
C ASP A 72 -0.60 -3.28 11.89
C ASP A 72 -0.63 -3.29 11.89
N LYS A 73 -0.43 -4.61 11.85
CA LYS A 73 -0.12 -5.29 10.60
C LYS A 73 -1.19 -5.00 9.53
N ALA A 74 -2.45 -5.09 9.93
CA ALA A 74 -3.50 -4.82 8.95
C ALA A 74 -3.46 -3.38 8.45
N ARG A 75 -3.26 -2.45 9.38
CA ARG A 75 -3.24 -1.04 8.99
C ARG A 75 -2.15 -0.76 7.95
N VAL A 76 -0.96 -1.30 8.17
CA VAL A 76 0.09 -1.16 7.16
C VAL A 76 -0.26 -1.76 5.82
N LEU A 77 -0.71 -3.01 5.78
CA LEU A 77 -1.00 -3.65 4.49
C LEU A 77 -2.18 -2.98 3.79
N ASN A 78 -3.26 -2.67 4.52
CA ASN A 78 -4.38 -1.95 3.91
C ASN A 78 -3.91 -0.62 3.31
N ALA A 79 -3.13 0.14 4.09
CA ALA A 79 -2.60 1.40 3.60
C ALA A 79 -1.81 1.23 2.29
N LEU A 80 -0.90 0.28 2.24
CA LEU A 80 -0.12 0.11 1.02
C LEU A 80 -1.00 -0.30 -0.17
N ALA A 81 -1.97 -1.19 0.07
CA ALA A 81 -2.83 -1.60 -1.03
C ALA A 81 -3.60 -0.40 -1.52
N TYR A 82 -4.15 0.37 -0.58
CA TYR A 82 -4.90 1.55 -0.94
C TYR A 82 -4.04 2.54 -1.71
N TYR A 83 -2.83 2.77 -1.23
CA TYR A 83 -1.88 3.68 -1.88
C TYR A 83 -1.53 3.23 -3.31
N ILE A 84 -1.21 1.95 -3.48
CA ILE A 84 -0.87 1.49 -4.81
C ILE A 84 -2.08 1.56 -5.73
N ARG A 85 -3.26 1.21 -5.22
CA ARG A 85 -4.51 1.40 -5.98
C ARG A 85 -4.63 2.86 -6.47
N ASP A 86 -4.40 3.82 -5.59
CA ASP A 86 -4.53 5.22 -5.97
C ASP A 86 -3.48 5.62 -7.04
N GLN A 87 -2.30 5.06 -6.89
CA GLN A 87 -1.22 5.29 -7.85
C GLN A 87 -1.59 4.81 -9.26
N ILE A 88 -2.29 3.69 -9.33
CA ILE A 88 -2.78 3.19 -10.61
C ILE A 88 -3.90 4.06 -11.15
N ALA A 89 -4.83 4.47 -10.29
CA ALA A 89 -5.89 5.37 -10.72
C ALA A 89 -5.31 6.66 -11.33
N ALA A 90 -4.20 7.15 -10.77
CA ALA A 90 -3.63 8.40 -11.27
C ALA A 90 -3.07 8.24 -12.68
N THR A 91 -2.78 7.00 -13.10
CA THR A 91 -2.25 6.79 -14.45
C THR A 91 -3.38 6.77 -15.50
N TYR A 92 -4.65 6.82 -15.10
CA TYR A 92 -5.78 6.87 -16.03
C TYR A 92 -6.27 8.32 -16.08
N LYS A 93 -6.25 8.94 -17.27
N LYS A 93 -6.18 8.93 -17.26
CA LYS A 93 -6.51 10.37 -17.39
CA LYS A 93 -6.50 10.34 -17.44
C LYS A 93 -7.92 10.67 -17.94
C LYS A 93 -7.99 10.51 -17.67
N TYR A 94 -8.57 9.67 -18.52
CA TYR A 94 -9.94 9.88 -19.00
C TYR A 94 -10.89 8.68 -19.11
N THR A 95 -10.45 7.48 -18.75
CA THR A 95 -11.31 6.33 -18.71
C THR A 95 -11.16 5.64 -17.36
N SER A 96 -11.93 4.60 -17.10
CA SER A 96 -11.93 4.01 -15.76
C SER A 96 -10.66 3.19 -15.43
N PRO A 97 -10.12 3.36 -14.21
CA PRO A 97 -9.04 2.49 -13.75
C PRO A 97 -9.52 1.03 -13.59
N ASP A 98 -10.83 0.80 -13.64
CA ASP A 98 -11.35 -0.60 -13.70
C ASP A 98 -10.84 -1.35 -14.95
N ASN A 99 -10.36 -0.61 -15.93
CA ASN A 99 -9.67 -1.24 -17.05
C ASN A 99 -8.49 -2.08 -16.68
N SER A 100 -7.88 -1.80 -15.52
CA SER A 100 -6.78 -2.59 -14.96
C SER A 100 -7.38 -3.67 -14.05
N ASP A 101 -7.20 -4.93 -14.42
CA ASP A 101 -7.63 -6.05 -13.58
C ASP A 101 -6.96 -5.99 -12.19
N PHE A 102 -5.70 -5.55 -12.12
CA PHE A 102 -5.02 -5.49 -10.81
C PHE A 102 -5.65 -4.41 -9.94
N TYR A 103 -5.99 -3.29 -10.57
CA TYR A 103 -6.72 -2.24 -9.87
C TYR A 103 -8.01 -2.78 -9.31
N LYS A 104 -8.78 -3.45 -10.16
CA LYS A 104 -10.02 -4.04 -9.72
C LYS A 104 -9.84 -4.98 -8.54
N SER A 105 -8.77 -5.77 -8.57
CA SER A 105 -8.47 -6.73 -7.52
C SER A 105 -8.13 -6.03 -6.20
N LEU A 106 -7.50 -4.85 -6.28
CA LEU A 106 -7.23 -4.10 -5.09
C LEU A 106 -8.53 -3.54 -4.49
N THR A 107 -9.45 -3.06 -5.33
CA THR A 107 -10.72 -2.57 -4.84
C THR A 107 -11.45 -3.69 -4.08
N ILE A 108 -11.49 -4.87 -4.71
CA ILE A 108 -12.09 -6.06 -4.14
C ILE A 108 -11.40 -6.53 -2.85
N SER A 109 -10.08 -6.59 -2.84
CA SER A 109 -9.34 -7.07 -1.67
C SER A 109 -9.62 -6.20 -0.47
N LEU A 110 -9.76 -4.91 -0.72
CA LEU A 110 -9.99 -3.93 0.32
C LEU A 110 -11.50 -3.84 0.74
N ASP A 111 -12.37 -4.47 -0.03
CA ASP A 111 -13.82 -4.45 0.19
C ASP A 111 -14.36 -3.03 0.16
N LEU A 112 -13.84 -2.23 -0.76
CA LEU A 112 -14.25 -0.87 -0.91
C LEU A 112 -15.60 -0.75 -1.62
N ASN A 113 -16.43 0.12 -1.07
CA ASN A 113 -17.77 0.37 -1.60
C ASN A 113 -18.27 1.73 -1.11
N LYS A 114 -19.43 2.15 -1.60
CA LYS A 114 -19.96 3.48 -1.30
C LYS A 114 -19.95 3.82 0.20
N ASP A 115 -20.25 2.85 1.06
CA ASP A 115 -20.33 3.09 2.51
C ASP A 115 -19.07 2.65 3.31
N ASN A 116 -18.19 1.91 2.66
CA ASN A 116 -16.98 1.43 3.28
C ASN A 116 -15.81 1.99 2.48
N ASN A 117 -15.34 3.17 2.86
CA ASN A 117 -14.32 3.89 2.09
C ASN A 117 -13.66 4.93 3.01
N PRO A 118 -12.34 5.10 2.89
CA PRO A 118 -11.61 5.83 3.91
C PRO A 118 -11.99 7.30 3.91
N ASN A 119 -12.32 7.86 5.06
CA ASN A 119 -12.43 9.30 5.21
C ASN A 119 -11.02 9.89 5.44
N ARG A 120 -10.95 11.21 5.66
CA ARG A 120 -9.65 11.87 5.75
C ARG A 120 -8.87 11.37 6.95
N GLU A 121 -9.60 11.12 8.02
N GLU A 121 -9.61 11.05 8.00
CA GLU A 121 -9.03 10.65 9.25
CA GLU A 121 -9.04 10.66 9.28
C GLU A 121 -8.40 9.28 8.98
C GLU A 121 -8.50 9.21 9.19
N ASP A 122 -9.19 8.37 8.41
CA ASP A 122 -8.72 7.03 8.08
C ASP A 122 -7.46 7.07 7.24
N LEU A 123 -7.44 7.94 6.25
CA LEU A 123 -6.34 7.97 5.31
C LEU A 123 -5.13 8.51 6.02
N ALA A 124 -5.35 9.56 6.81
CA ALA A 124 -4.25 10.12 7.59
C ALA A 124 -3.64 9.02 8.47
N ASP A 125 -4.47 8.27 9.19
CA ASP A 125 -3.96 7.18 10.04
C ASP A 125 -3.24 6.10 9.20
N MSE A 126 -3.84 5.69 8.08
CA MSE A 126 -3.24 4.69 7.24
C MSE A 126 -1.90 5.10 6.66
O MSE A 126 -0.89 4.36 6.78
CB MSE A 126 -4.22 4.26 6.12
CG MSE A 126 -5.50 3.66 6.71
SE MSE A 126 -6.98 3.50 5.42
CE MSE A 126 -5.95 2.25 4.48
N TYR A 127 -1.87 6.25 5.99
CA TYR A 127 -0.64 6.67 5.34
C TYR A 127 0.46 6.99 6.37
N SER A 128 0.06 7.47 7.55
N SER A 128 0.07 7.49 7.53
CA SER A 128 1.06 7.75 8.59
CA SER A 128 1.04 7.73 8.57
C SER A 128 1.65 6.45 9.15
C SER A 128 1.68 6.40 9.00
N ALA A 129 0.85 5.38 9.20
CA ALA A 129 1.34 4.08 9.65
C ALA A 129 2.24 3.50 8.57
N LEU A 130 1.86 3.66 7.31
CA LEU A 130 2.68 3.19 6.21
C LEU A 130 4.01 3.92 6.13
N GLU A 131 3.97 5.25 6.14
CA GLU A 131 5.21 6.03 6.20
C GLU A 131 6.13 5.63 7.36
N LYS A 132 5.60 5.45 8.55
CA LYS A 132 6.42 5.03 9.70
C LYS A 132 7.08 3.68 9.41
N PHE A 133 6.25 2.74 8.93
CA PHE A 133 6.73 1.43 8.61
C PHE A 133 7.89 1.49 7.65
N LEU A 134 7.75 2.24 6.55
CA LEU A 134 8.85 2.32 5.59
C LEU A 134 10.13 2.93 6.21
N ARG A 135 9.97 3.99 6.96
CA ARG A 135 11.12 4.61 7.66
C ARG A 135 11.82 3.60 8.56
N SER A 136 11.03 2.72 9.19
CA SER A 136 11.59 1.73 10.09
C SER A 136 12.45 0.71 9.34
N HIS A 137 12.28 0.64 8.01
CA HIS A 137 13.00 -0.28 7.16
C HIS A 137 13.92 0.45 6.19
N VAL A 138 14.13 1.75 6.42
CA VAL A 138 15.12 2.49 5.65
C VAL A 138 16.22 3.11 6.56
N TYR A 139 15.83 3.68 7.68
CA TYR A 139 16.77 4.40 8.56
C TYR A 139 16.99 3.71 9.90
N LYS A 140 18.21 3.82 10.40
CA LYS A 140 18.49 3.45 11.80
C LYS A 140 17.53 4.16 12.73
N ASN A 141 16.87 3.39 13.60
CA ASN A 141 15.83 3.91 14.49
C ASN A 141 14.73 4.72 13.82
N SER A 142 14.43 4.41 12.56
CA SER A 142 13.41 5.13 11.78
C SER A 142 13.73 6.59 11.58
N ASP A 143 14.95 6.98 11.95
CA ASP A 143 15.29 8.39 12.05
C ASP A 143 16.35 8.76 11.01
N PRO A 144 15.95 9.52 9.99
CA PRO A 144 16.92 9.77 8.92
C PRO A 144 18.18 10.51 9.43
N ARG A 145 18.08 11.22 10.56
CA ARG A 145 19.22 11.90 11.16
C ARG A 145 20.32 10.88 11.45
N LYS A 146 19.93 9.63 11.70
CA LYS A 146 20.90 8.64 12.15
C LYS A 146 21.43 7.81 10.98
N GLY A 147 20.98 8.11 9.77
CA GLY A 147 21.48 7.43 8.59
C GLY A 147 20.67 6.22 8.13
N TYR A 148 21.12 5.66 7.02
CA TYR A 148 20.51 4.47 6.44
C TYR A 148 20.97 3.17 7.05
N LEU A 149 20.04 2.23 7.19
CA LEU A 149 20.35 0.83 7.48
C LEU A 149 21.28 0.27 6.40
N ASP A 150 22.24 -0.56 6.78
CA ASP A 150 23.14 -1.22 5.82
C ASP A 150 22.33 -2.11 4.86
N LYS A 151 21.35 -2.80 5.40
CA LYS A 151 20.48 -3.65 4.59
C LYS A 151 19.20 -2.89 4.25
N GLN A 152 18.92 -2.73 2.96
CA GLN A 152 17.76 -1.98 2.50
C GLN A 152 16.74 -2.94 1.84
N PRO A 153 15.79 -3.46 2.61
CA PRO A 153 14.85 -4.40 2.00
C PRO A 153 14.04 -3.77 0.83
N PHE A 154 13.91 -2.44 0.83
CA PHE A 154 13.13 -1.76 -0.19
C PHE A 154 13.97 -1.17 -1.33
N ALA A 155 15.24 -1.56 -1.42
CA ALA A 155 16.06 -1.22 -2.58
C ALA A 155 15.68 -2.14 -3.75
N ILE A 156 14.59 -1.78 -4.40
CA ILE A 156 13.93 -2.59 -5.38
C ILE A 156 14.03 -1.80 -6.67
N LYS A 157 14.33 -2.50 -7.77
CA LYS A 157 14.54 -1.83 -9.02
C LYS A 157 13.29 -1.06 -9.42
N HIS A 158 13.53 0.16 -9.88
CA HIS A 158 12.51 1.04 -10.43
C HIS A 158 11.57 1.50 -9.37
N TYR A 159 12.07 1.42 -8.14
CA TYR A 159 11.33 1.90 -6.98
C TYR A 159 12.23 2.79 -6.09
N SER A 160 11.70 3.92 -5.63
CA SER A 160 12.38 4.77 -4.65
C SER A 160 11.56 4.85 -3.35
N VAL A 161 12.00 4.09 -2.34
CA VAL A 161 11.31 4.06 -1.08
C VAL A 161 11.32 5.47 -0.44
N VAL A 162 12.39 6.24 -0.66
CA VAL A 162 12.41 7.59 -0.08
C VAL A 162 11.40 8.51 -0.74
N ASP A 163 11.26 8.41 -2.06
CA ASP A 163 10.23 9.15 -2.77
C ASP A 163 8.85 8.83 -2.16
N ASP A 164 8.62 7.57 -1.89
CA ASP A 164 7.37 7.15 -1.27
C ASP A 164 7.17 7.69 0.16
N ILE A 165 8.22 7.68 0.97
CA ILE A 165 8.15 8.30 2.30
C ILE A 165 7.78 9.79 2.24
N LEU A 166 8.43 10.56 1.36
CA LEU A 166 8.10 11.96 1.18
C LEU A 166 6.68 12.15 0.70
N GLU A 167 6.26 11.34 -0.28
CA GLU A 167 4.92 11.48 -0.82
C GLU A 167 3.88 11.18 0.28
N LEU A 168 4.08 10.07 1.01
CA LEU A 168 3.17 9.68 2.07
C LEU A 168 3.12 10.77 3.15
N SER A 169 4.29 11.33 3.43
CA SER A 169 4.35 12.42 4.37
C SER A 169 3.59 13.65 3.86
N ASP A 170 3.70 13.93 2.57
CA ASP A 170 2.95 15.05 2.04
C ASP A 170 1.44 14.82 2.15
N ARG A 171 0.98 13.60 1.84
CA ARG A 171 -0.45 13.36 1.89
C ARG A 171 -1.00 13.47 3.30
N VAL A 172 -0.28 12.88 4.26
CA VAL A 172 -0.62 13.00 5.66
C VAL A 172 -0.68 14.48 6.05
N HIS A 173 0.34 15.26 5.68
CA HIS A 173 0.39 16.67 6.06
C HIS A 173 -0.87 17.42 5.54
N LYS A 174 -1.24 17.14 4.29
CA LYS A 174 -2.38 17.78 3.62
C LYS A 174 -3.68 17.34 4.30
N LEU A 175 -3.78 16.04 4.58
CA LEU A 175 -4.95 15.51 5.26
C LEU A 175 -5.14 16.13 6.66
N ARG A 176 -4.06 16.23 7.44
CA ARG A 176 -4.13 16.86 8.75
C ARG A 176 -4.50 18.33 8.64
N HIS A 177 -3.99 19.01 7.61
CA HIS A 177 -4.39 20.39 7.34
C HIS A 177 -5.91 20.46 7.13
N GLU A 178 -6.44 19.56 6.29
CA GLU A 178 -7.85 19.62 5.94
C GLU A 178 -8.75 19.34 7.13
N ILE A 179 -8.31 18.42 7.98
CA ILE A 179 -9.04 18.08 9.20
C ILE A 179 -9.17 19.28 10.13
N ILE A 180 -8.05 19.98 10.28
CA ILE A 180 -8.05 21.24 11.05
C ILE A 180 -9.00 22.26 10.46
N ILE A 181 -8.91 22.45 9.16
CA ILE A 181 -9.76 23.41 8.51
C ILE A 181 -11.26 23.07 8.68
N ALA A 182 -11.57 21.78 8.61
CA ALA A 182 -12.97 21.35 8.63
C ALA A 182 -13.53 21.50 10.05
N ALA A 183 -12.69 21.27 11.06
CA ALA A 183 -13.06 21.47 12.45
C ALA A 183 -13.32 22.95 12.77
N ARG A 184 -12.49 23.83 12.18
CA ARG A 184 -12.68 25.28 12.30
C ARG A 184 -14.03 25.70 11.73
N ASP A 185 -14.35 25.24 10.52
CA ASP A 185 -15.62 25.62 9.89
C ASP A 185 -16.80 25.12 10.71
N LEU A 186 -16.68 23.91 11.25
CA LEU A 186 -17.71 23.33 12.11
C LEU A 186 -17.89 24.13 13.39
N HIS A 187 -16.78 24.62 13.94
CA HIS A 187 -16.75 25.46 15.15
C HIS A 187 -17.45 26.80 14.93
N LEU A 188 -16.98 27.53 13.93
CA LEU A 188 -17.49 28.86 13.60
C LEU A 188 -18.94 28.83 13.05
N LEU A 189 -19.33 27.69 12.50
CA LEU A 189 -20.65 27.52 11.86
C LEU A 189 -21.52 26.54 12.62
N GLN A 190 -21.53 26.65 13.94
CA GLN A 190 -22.37 25.76 14.75
C GLN A 190 -23.64 26.48 15.23
C1 CIT B . -0.21 -5.75 -18.49
O1 CIT B . 0.80 -5.54 -19.20
O2 CIT B . -0.31 -6.82 -17.86
C2 CIT B . -1.31 -4.73 -18.39
C3 CIT B . -1.70 -4.36 -16.94
O7 CIT B . -0.53 -4.32 -16.09
C4 CIT B . -2.72 -5.31 -16.31
C5 CIT B . -3.29 -4.83 -14.96
O3 CIT B . -3.00 -3.72 -14.48
O4 CIT B . -4.10 -5.55 -14.34
C6 CIT B . -2.34 -2.99 -17.13
O5 CIT B . -1.68 -1.93 -16.92
O6 CIT B . -3.53 -2.97 -17.56
C1 SIN C . 2.06 16.98 10.07
O1 SIN C . 1.57 16.17 10.83
O2 SIN C . 1.34 17.82 9.61
C2 SIN C . 3.51 16.92 9.73
C3 SIN C . 3.73 15.72 8.85
C4 SIN C . 5.20 15.44 8.86
O3 SIN C . 5.73 15.07 9.88
O4 SIN C . 5.89 15.55 7.89
#